data_2H0E
#
_entry.id   2H0E
#
_cell.length_a   73.170
_cell.length_b   73.170
_cell.length_c   145.020
_cell.angle_alpha   90.000
_cell.angle_beta   90.000
_cell.angle_gamma   90.000
#
_symmetry.space_group_name_H-M   'P 42 2 2'
#
loop_
_entity.id
_entity.type
_entity.pdbx_description
1 polymer 'Transthyretin-like protein pucM'
2 non-polymer GLYCEROL
3 water water
#
_entity_poly.entity_id   1
_entity_poly.type   'polypeptide(L)'
_entity_poly.pdbx_seq_one_letter_code
;(MSE)SEPESL(MSE)GKLTTHILDLTCGKPAANVKIGLKRLGESI(MSE)KEVYTNNDGRVDVPLLAGEEL(MSE)SGE
YV(MSE)EFHAGDYFASKN(MSE)NAADQPFLTIVTVRFQLADPDAHYHIPLLLSPFGYQVYRGS
;
_entity_poly.pdbx_strand_id   A,B
#
loop_
_chem_comp.id
_chem_comp.type
_chem_comp.name
_chem_comp.formula
GOL non-polymer GLYCEROL 'C3 H8 O3'
#
# COMPACT_ATOMS: atom_id res chain seq x y z
N MSE A 8 -22.78 -10.98 14.35
CA MSE A 8 -22.10 -12.30 14.24
C MSE A 8 -21.74 -12.59 12.78
O MSE A 8 -21.27 -13.69 12.46
CB MSE A 8 -23.02 -13.40 14.76
CG MSE A 8 -24.26 -13.59 13.92
SE MSE A 8 -25.41 -14.96 14.58
CE MSE A 8 -26.47 -13.87 15.80
N GLY A 9 -21.98 -11.62 11.92
CA GLY A 9 -21.67 -11.79 10.51
C GLY A 9 -20.17 -11.91 10.29
N LYS A 10 -19.79 -12.35 9.09
CA LYS A 10 -18.39 -12.51 8.77
C LYS A 10 -18.14 -12.33 7.27
N LEU A 11 -17.04 -11.68 6.92
CA LEU A 11 -16.66 -11.48 5.53
C LEU A 11 -15.22 -11.94 5.37
N THR A 12 -15.01 -12.90 4.49
CA THR A 12 -13.68 -13.42 4.24
C THR A 12 -13.43 -13.54 2.74
N THR A 13 -12.17 -13.74 2.38
CA THR A 13 -11.79 -13.88 0.99
C THR A 13 -10.52 -14.72 0.92
N HIS A 14 -10.19 -15.15 -0.30
N HIS A 14 -10.14 -15.12 -0.29
CA HIS A 14 -9.04 -16.00 -0.56
CA HIS A 14 -8.90 -15.86 -0.48
C HIS A 14 -8.63 -15.81 -2.03
C HIS A 14 -8.61 -15.84 -1.97
N ILE A 15 -7.33 -15.78 -2.30
CA ILE A 15 -6.87 -15.65 -3.68
C ILE A 15 -6.09 -16.84 -4.24
N LEU A 16 -6.51 -17.31 -5.42
CA LEU A 16 -5.83 -18.40 -6.09
C LEU A 16 -5.20 -17.87 -7.36
N ASP A 17 -3.94 -18.20 -7.58
CA ASP A 17 -3.22 -17.78 -8.79
C ASP A 17 -3.35 -18.94 -9.78
N LEU A 18 -4.22 -18.79 -10.77
CA LEU A 18 -4.45 -19.85 -11.76
C LEU A 18 -3.25 -20.08 -12.67
N THR A 19 -2.29 -19.18 -12.62
CA THR A 19 -1.10 -19.30 -13.45
C THR A 19 -0.18 -20.42 -12.93
N CYS A 20 -0.26 -20.72 -11.64
CA CYS A 20 0.58 -21.77 -11.07
C CYS A 20 -0.18 -22.77 -10.18
N GLY A 21 -1.46 -22.51 -9.94
CA GLY A 21 -2.24 -23.42 -9.13
C GLY A 21 -1.98 -23.32 -7.64
N LYS A 22 -1.31 -22.26 -7.23
CA LYS A 22 -1.01 -22.05 -5.82
C LYS A 22 -1.76 -20.82 -5.33
N PRO A 23 -1.97 -20.72 -4.00
CA PRO A 23 -2.68 -19.55 -3.48
C PRO A 23 -1.74 -18.35 -3.71
N ALA A 24 -2.31 -17.15 -3.85
CA ALA A 24 -1.51 -15.95 -4.07
C ALA A 24 -1.11 -15.38 -2.72
N ALA A 25 0.17 -15.49 -2.38
CA ALA A 25 0.68 -15.02 -1.09
C ALA A 25 1.19 -13.60 -1.10
N ASN A 26 0.95 -12.90 0.01
CA ASN A 26 1.41 -11.52 0.19
C ASN A 26 0.75 -10.50 -0.74
N VAL A 27 -0.48 -10.76 -1.19
CA VAL A 27 -1.17 -9.82 -2.06
C VAL A 27 -1.86 -8.80 -1.17
N LYS A 28 -1.71 -7.53 -1.47
CA LYS A 28 -2.36 -6.51 -0.64
C LYS A 28 -3.84 -6.39 -1.03
N ILE A 29 -4.69 -6.30 -0.02
CA ILE A 29 -6.12 -6.18 -0.22
C ILE A 29 -6.61 -4.96 0.57
N GLY A 30 -7.39 -4.12 -0.08
CA GLY A 30 -7.96 -2.96 0.58
C GLY A 30 -9.47 -3.12 0.69
N LEU A 31 -10.05 -2.69 1.79
CA LEU A 31 -11.49 -2.78 1.98
C LEU A 31 -11.95 -1.35 2.19
N LYS A 32 -13.18 -1.06 1.81
CA LYS A 32 -13.72 0.28 2.00
C LYS A 32 -15.20 0.28 1.71
N ARG A 33 -15.95 1.11 2.43
CA ARG A 33 -17.38 1.21 2.20
C ARG A 33 -17.54 2.00 0.92
N LEU A 34 -18.62 1.74 0.18
CA LEU A 34 -18.85 2.45 -1.08
C LEU A 34 -18.90 3.96 -0.81
N GLY A 35 -18.12 4.73 -1.55
CA GLY A 35 -18.12 6.16 -1.36
C GLY A 35 -16.99 6.65 -0.45
N GLU A 36 -16.70 5.89 0.59
CA GLU A 36 -15.64 6.23 1.53
C GLU A 36 -14.28 5.80 1.01
N SER A 37 -13.24 6.11 1.77
CA SER A 37 -11.90 5.71 1.39
C SER A 37 -11.54 4.46 2.18
N ILE A 38 -10.38 3.90 1.90
CA ILE A 38 -9.93 2.68 2.57
C ILE A 38 -10.15 2.68 4.09
N MSE A 39 -10.58 1.54 4.62
CA MSE A 39 -10.77 1.40 6.06
C MSE A 39 -9.80 0.34 6.61
O MSE A 39 -9.43 0.39 7.79
CB MSE A 39 -12.22 1.03 6.41
CG MSE A 39 -12.56 -0.44 6.32
SE MSE A 39 -14.27 -0.87 7.17
CE MSE A 39 -15.41 -0.03 5.89
N LYS A 40 -9.38 -0.59 5.76
CA LYS A 40 -8.43 -1.63 6.15
C LYS A 40 -7.52 -1.99 4.99
N GLU A 41 -6.29 -2.40 5.32
CA GLU A 41 -5.31 -2.83 4.34
C GLU A 41 -4.66 -4.09 4.92
N VAL A 42 -4.74 -5.18 4.17
CA VAL A 42 -4.21 -6.46 4.60
C VAL A 42 -3.35 -7.11 3.52
N TYR A 43 -2.51 -8.05 3.91
CA TYR A 43 -1.68 -8.79 2.96
C TYR A 43 -1.95 -10.27 3.23
N THR A 44 -2.25 -11.01 2.18
CA THR A 44 -2.56 -12.43 2.30
C THR A 44 -1.35 -13.24 2.79
N ASN A 45 -1.64 -14.33 3.50
CA ASN A 45 -0.60 -15.22 3.98
C ASN A 45 -0.24 -16.22 2.87
N ASN A 46 0.45 -17.30 3.24
CA ASN A 46 0.87 -18.29 2.26
C ASN A 46 -0.25 -19.14 1.67
N ASP A 47 -1.41 -19.15 2.31
CA ASP A 47 -2.55 -19.90 1.78
C ASP A 47 -3.46 -18.92 1.03
N GLY A 48 -2.97 -17.70 0.83
CA GLY A 48 -3.72 -16.69 0.12
C GLY A 48 -4.95 -16.21 0.84
N ARG A 49 -4.90 -16.23 2.17
CA ARG A 49 -6.01 -15.81 3.02
C ARG A 49 -5.49 -14.86 4.09
N VAL A 50 -6.33 -14.49 5.05
CA VAL A 50 -5.91 -13.63 6.14
C VAL A 50 -6.44 -14.24 7.43
N ASP A 51 -5.64 -14.17 8.48
CA ASP A 51 -6.02 -14.74 9.77
C ASP A 51 -7.40 -14.35 10.29
N VAL A 52 -7.64 -13.05 10.40
CA VAL A 52 -8.92 -12.55 10.88
C VAL A 52 -9.84 -12.16 9.72
N PRO A 53 -11.15 -12.32 9.91
CA PRO A 53 -12.08 -11.95 8.82
C PRO A 53 -11.93 -10.48 8.47
N LEU A 54 -12.09 -10.15 7.20
CA LEU A 54 -11.98 -8.76 6.76
C LEU A 54 -13.03 -7.92 7.46
N LEU A 55 -14.13 -8.56 7.81
CA LEU A 55 -15.23 -7.88 8.48
C LEU A 55 -15.95 -8.89 9.38
N ALA A 56 -16.39 -8.44 10.54
CA ALA A 56 -17.11 -9.30 11.48
C ALA A 56 -17.73 -8.46 12.59
N GLY A 57 -18.71 -9.02 13.27
CA GLY A 57 -19.37 -8.30 14.36
C GLY A 57 -19.99 -6.98 13.96
N GLU A 58 -19.74 -5.96 14.78
CA GLU A 58 -20.28 -4.62 14.55
C GLU A 58 -19.75 -4.04 13.25
N GLU A 59 -18.50 -4.33 12.95
CA GLU A 59 -17.87 -3.84 11.74
C GLU A 59 -18.74 -4.11 10.51
N LEU A 60 -19.32 -5.31 10.46
CA LEU A 60 -20.14 -5.72 9.33
C LEU A 60 -21.56 -5.18 9.35
N MSE A 61 -21.81 -4.17 8.52
CA MSE A 61 -23.13 -3.57 8.44
C MSE A 61 -23.70 -3.60 7.03
O MSE A 61 -22.98 -3.41 6.05
CB MSE A 61 -23.08 -2.13 8.93
CG MSE A 61 -22.45 -1.96 10.30
SE MSE A 61 -22.71 -0.17 10.95
CE MSE A 61 -21.34 0.74 9.92
N SER A 62 -25.00 -3.86 6.93
CA SER A 62 -25.68 -3.92 5.65
C SER A 62 -25.29 -2.73 4.79
N GLY A 63 -24.88 -2.99 3.56
CA GLY A 63 -24.48 -1.94 2.64
C GLY A 63 -23.52 -2.44 1.59
N GLU A 64 -22.99 -1.54 0.78
CA GLU A 64 -22.06 -1.92 -0.26
C GLU A 64 -20.61 -1.68 0.15
N TYR A 65 -19.73 -2.55 -0.33
CA TYR A 65 -18.30 -2.45 -0.06
C TYR A 65 -17.52 -2.65 -1.34
N VAL A 66 -16.21 -2.42 -1.25
CA VAL A 66 -15.32 -2.60 -2.39
C VAL A 66 -13.98 -3.15 -1.88
N MSE A 67 -13.49 -4.20 -2.52
CA MSE A 67 -12.21 -4.79 -2.16
C MSE A 67 -11.25 -4.51 -3.31
O MSE A 67 -11.60 -4.71 -4.48
CB MSE A 67 -12.32 -6.30 -1.95
CG MSE A 67 -13.11 -6.72 -0.71
SE MSE A 67 -13.02 -8.67 -0.36
CE MSE A 67 -14.27 -9.27 -1.73
N GLU A 68 -10.05 -4.04 -2.99
CA GLU A 68 -9.07 -3.74 -4.02
C GLU A 68 -7.91 -4.70 -3.92
N PHE A 69 -7.87 -5.65 -4.86
CA PHE A 69 -6.82 -6.65 -4.88
C PHE A 69 -5.69 -6.08 -5.73
N HIS A 70 -4.50 -5.95 -5.14
CA HIS A 70 -3.36 -5.40 -5.87
C HIS A 70 -2.67 -6.48 -6.66
N ALA A 71 -3.31 -6.87 -7.75
CA ALA A 71 -2.81 -7.92 -8.63
C ALA A 71 -1.57 -7.51 -9.40
N GLY A 72 -1.53 -6.28 -9.89
CA GLY A 72 -0.38 -5.83 -10.66
C GLY A 72 0.92 -6.02 -9.90
N ASP A 73 0.93 -5.60 -8.64
CA ASP A 73 2.13 -5.75 -7.81
C ASP A 73 2.47 -7.23 -7.59
N TYR A 74 1.46 -8.04 -7.32
CA TYR A 74 1.67 -9.46 -7.11
C TYR A 74 2.34 -10.13 -8.29
N PHE A 75 1.80 -9.94 -9.49
CA PHE A 75 2.38 -10.56 -10.67
C PHE A 75 3.75 -10.00 -11.00
N ALA A 76 3.98 -8.74 -10.64
CA ALA A 76 5.27 -8.12 -10.89
C ALA A 76 6.35 -8.85 -10.08
N SER A 77 6.06 -9.10 -8.80
CA SER A 77 7.00 -9.79 -7.93
C SER A 77 7.16 -11.25 -8.33
N LYS A 78 6.43 -11.66 -9.36
CA LYS A 78 6.46 -13.04 -9.84
C LYS A 78 7.07 -13.18 -11.22
N ASN A 79 7.34 -12.07 -11.91
CA ASN A 79 7.91 -12.13 -13.25
C ASN A 79 9.30 -11.50 -13.28
N ALA A 82 6.48 -9.46 -17.65
CA ALA A 82 5.58 -8.57 -16.93
C ALA A 82 5.74 -7.13 -17.41
N ALA A 83 4.65 -6.55 -17.90
CA ALA A 83 4.65 -5.18 -18.42
C ALA A 83 4.82 -4.13 -17.32
N ASP A 84 5.47 -3.02 -17.67
CA ASP A 84 5.69 -1.92 -16.74
C ASP A 84 4.33 -1.33 -16.37
N GLN A 85 3.39 -1.40 -17.31
CA GLN A 85 2.03 -0.92 -17.14
C GLN A 85 1.13 -2.14 -17.36
N PRO A 86 0.89 -2.91 -16.29
CA PRO A 86 0.05 -4.12 -16.38
C PRO A 86 -1.41 -3.82 -16.70
N PHE A 87 -2.02 -4.74 -17.46
CA PHE A 87 -3.43 -4.64 -17.83
C PHE A 87 -4.25 -4.57 -16.54
N LEU A 88 -3.99 -5.48 -15.62
CA LEU A 88 -4.70 -5.48 -14.34
C LEU A 88 -3.77 -4.93 -13.29
N THR A 89 -4.15 -3.83 -12.69
CA THR A 89 -3.35 -3.20 -11.66
C THR A 89 -4.01 -3.48 -10.31
N ILE A 90 -5.21 -2.94 -10.15
CA ILE A 90 -6.00 -3.13 -8.95
C ILE A 90 -7.31 -3.75 -9.39
N VAL A 91 -7.56 -4.99 -8.97
CA VAL A 91 -8.80 -5.65 -9.32
C VAL A 91 -9.82 -5.18 -8.28
N THR A 92 -10.82 -4.47 -8.78
CA THR A 92 -11.85 -3.90 -7.93
C THR A 92 -13.09 -4.79 -7.88
N VAL A 93 -13.59 -5.07 -6.69
CA VAL A 93 -14.76 -5.91 -6.54
C VAL A 93 -15.80 -5.24 -5.63
N ARG A 94 -16.90 -4.81 -6.25
CA ARG A 94 -18.00 -4.19 -5.52
C ARG A 94 -19.07 -5.26 -5.28
N PHE A 95 -19.73 -5.19 -4.14
CA PHE A 95 -20.76 -6.16 -3.79
C PHE A 95 -21.54 -5.60 -2.61
N GLN A 96 -22.72 -6.17 -2.38
CA GLN A 96 -23.57 -5.73 -1.29
C GLN A 96 -23.80 -6.81 -0.27
N LEU A 97 -23.67 -6.44 1.00
CA LEU A 97 -23.90 -7.38 2.09
C LEU A 97 -25.24 -6.96 2.67
N ALA A 98 -26.29 -7.73 2.38
CA ALA A 98 -27.63 -7.39 2.85
C ALA A 98 -27.86 -7.82 4.28
N ASP A 99 -27.48 -9.05 4.60
CA ASP A 99 -27.66 -9.59 5.94
C ASP A 99 -26.40 -9.40 6.78
N PRO A 100 -26.51 -8.63 7.87
CA PRO A 100 -25.39 -8.35 8.78
C PRO A 100 -24.94 -9.55 9.62
N ASP A 101 -25.74 -10.60 9.65
CA ASP A 101 -25.42 -11.79 10.44
C ASP A 101 -25.07 -13.02 9.60
N ALA A 102 -24.79 -12.81 8.33
CA ALA A 102 -24.45 -13.93 7.45
C ALA A 102 -22.96 -14.07 7.27
N HIS A 103 -22.54 -15.21 6.72
CA HIS A 103 -21.13 -15.48 6.46
C HIS A 103 -20.88 -15.37 4.96
N TYR A 104 -20.13 -14.34 4.58
CA TYR A 104 -19.81 -14.10 3.18
C TYR A 104 -18.37 -14.44 2.83
N HIS A 105 -18.20 -15.41 1.94
N HIS A 105 -18.18 -15.41 1.95
CA HIS A 105 -16.89 -15.81 1.46
CA HIS A 105 -16.83 -15.77 1.51
C HIS A 105 -16.83 -15.36 0.01
C HIS A 105 -16.79 -15.38 0.03
N ILE A 106 -15.94 -14.41 -0.30
CA ILE A 106 -15.82 -13.91 -1.66
C ILE A 106 -14.41 -14.06 -2.22
N PRO A 107 -14.07 -15.26 -2.71
CA PRO A 107 -12.76 -15.59 -3.28
C PRO A 107 -12.50 -14.92 -4.63
N LEU A 108 -11.24 -14.94 -5.03
CA LEU A 108 -10.84 -14.37 -6.32
C LEU A 108 -9.91 -15.35 -7.03
N LEU A 109 -10.24 -15.70 -8.27
CA LEU A 109 -9.42 -16.61 -9.06
C LEU A 109 -8.69 -15.69 -10.02
N LEU A 110 -7.38 -15.56 -9.84
CA LEU A 110 -6.60 -14.62 -10.63
C LEU A 110 -5.63 -15.13 -11.70
N SER A 111 -5.64 -14.44 -12.84
CA SER A 111 -4.74 -14.71 -13.96
C SER A 111 -4.34 -13.32 -14.45
N PRO A 112 -3.21 -13.21 -15.17
CA PRO A 112 -2.76 -11.91 -15.66
C PRO A 112 -3.79 -11.16 -16.49
N PHE A 113 -4.56 -11.86 -17.31
CA PHE A 113 -5.54 -11.18 -18.15
C PHE A 113 -6.98 -11.67 -17.96
N GLY A 114 -7.33 -12.00 -16.73
CA GLY A 114 -8.68 -12.44 -16.47
C GLY A 114 -8.82 -12.91 -15.05
N TYR A 115 -10.00 -12.73 -14.49
CA TYR A 115 -10.26 -13.17 -13.13
C TYR A 115 -11.72 -13.55 -12.95
N GLN A 116 -11.96 -14.33 -11.90
CA GLN A 116 -13.31 -14.79 -11.57
C GLN A 116 -13.62 -14.45 -10.11
N VAL A 117 -14.74 -13.79 -9.90
CA VAL A 117 -15.20 -13.42 -8.55
C VAL A 117 -16.45 -14.25 -8.24
N TYR A 118 -16.57 -14.76 -7.02
CA TYR A 118 -17.76 -15.53 -6.65
C TYR A 118 -18.09 -15.60 -5.17
N ARG A 119 -19.34 -15.89 -4.87
CA ARG A 119 -19.80 -16.02 -3.50
C ARG A 119 -19.57 -17.48 -3.14
N GLY A 120 -18.38 -17.77 -2.62
CA GLY A 120 -18.05 -19.13 -2.26
C GLY A 120 -18.72 -19.59 -0.99
N SER A 121 -18.28 -20.73 -0.48
CA SER A 121 -18.83 -21.31 0.74
C SER A 121 -17.74 -21.44 1.79
N MSE B 8 20.25 26.67 -7.25
CA MSE B 8 18.86 26.93 -6.78
C MSE B 8 18.54 26.11 -5.53
O MSE B 8 19.39 25.95 -4.66
CB MSE B 8 17.87 26.61 -7.90
CG MSE B 8 18.12 27.38 -9.18
SE MSE B 8 18.06 29.31 -8.94
CE MSE B 8 16.22 29.64 -9.46
N GLY B 9 17.32 25.59 -5.45
CA GLY B 9 16.93 24.80 -4.31
C GLY B 9 16.60 23.35 -4.65
N LYS B 10 16.55 22.49 -3.64
CA LYS B 10 16.23 21.09 -3.87
C LYS B 10 15.76 20.37 -2.60
N LEU B 11 15.04 19.27 -2.79
CA LEU B 11 14.53 18.48 -1.68
C LEU B 11 14.90 17.02 -1.87
N THR B 12 15.59 16.45 -0.88
CA THR B 12 15.96 15.04 -0.95
C THR B 12 15.60 14.33 0.34
N THR B 13 15.58 13.00 0.28
CA THR B 13 15.24 12.18 1.42
C THR B 13 16.22 11.00 1.51
N HIS B 14 16.11 10.22 2.57
CA HIS B 14 16.96 9.06 2.78
C HIS B 14 16.24 8.17 3.78
N ILE B 15 15.96 6.93 3.39
CA ILE B 15 15.26 6.00 4.28
C ILE B 15 16.17 4.92 4.83
N LEU B 16 16.10 4.71 6.14
CA LEU B 16 16.89 3.69 6.79
C LEU B 16 15.96 2.64 7.35
N ASP B 17 16.26 1.38 7.09
CA ASP B 17 15.45 0.29 7.59
C ASP B 17 15.98 -0.09 8.99
N LEU B 18 15.23 0.29 10.03
CA LEU B 18 15.63 0.03 11.40
C LEU B 18 15.71 -1.45 11.78
N THR B 19 14.96 -2.30 11.08
CA THR B 19 14.98 -3.72 11.40
C THR B 19 16.33 -4.37 11.12
N CYS B 20 17.09 -3.82 10.18
CA CYS B 20 18.38 -4.40 9.83
C CYS B 20 19.55 -3.40 9.71
N GLY B 21 19.32 -2.14 10.03
CA GLY B 21 20.38 -1.16 9.97
C GLY B 21 20.96 -0.87 8.60
N LYS B 22 20.18 -1.12 7.56
CA LYS B 22 20.63 -0.88 6.19
C LYS B 22 19.63 0.07 5.53
N PRO B 23 20.01 0.65 4.39
CA PRO B 23 19.10 1.57 3.69
C PRO B 23 17.90 0.81 3.13
N ALA B 24 16.71 1.42 3.22
CA ALA B 24 15.52 0.78 2.69
C ALA B 24 15.57 0.91 1.17
N ALA B 25 15.72 -0.22 0.49
CA ALA B 25 15.80 -0.22 -0.97
C ALA B 25 14.43 -0.30 -1.64
N ASN B 26 14.32 0.36 -2.80
CA ASN B 26 13.10 0.43 -3.60
C ASN B 26 11.81 0.59 -2.80
N VAL B 27 11.78 1.63 -1.97
CA VAL B 27 10.60 1.97 -1.18
C VAL B 27 9.91 3.00 -2.06
N LYS B 28 8.62 2.83 -2.33
CA LYS B 28 7.91 3.78 -3.17
C LYS B 28 7.57 5.05 -2.41
N ILE B 29 7.83 6.19 -3.03
CA ILE B 29 7.54 7.45 -2.39
C ILE B 29 6.67 8.38 -3.23
N GLY B 30 5.54 8.77 -2.68
CA GLY B 30 4.65 9.66 -3.38
C GLY B 30 4.78 11.06 -2.79
N LEU B 31 4.91 12.06 -3.65
CA LEU B 31 5.02 13.44 -3.20
C LEU B 31 3.90 14.29 -3.80
N LYS B 32 3.50 15.34 -3.09
CA LYS B 32 2.46 16.24 -3.58
C LYS B 32 2.24 17.44 -2.68
N ARG B 33 1.70 18.51 -3.27
CA ARG B 33 1.42 19.72 -2.50
C ARG B 33 0.20 19.39 -1.65
N LEU B 34 0.08 20.05 -0.51
CA LEU B 34 -1.04 19.75 0.38
C LEU B 34 -2.38 19.85 -0.35
N GLY B 35 -3.19 18.80 -0.22
CA GLY B 35 -4.50 18.79 -0.84
C GLY B 35 -4.57 18.36 -2.30
N GLU B 36 -3.52 18.65 -3.07
CA GLU B 36 -3.50 18.29 -4.48
C GLU B 36 -3.29 16.79 -4.68
N SER B 37 -3.29 16.36 -5.94
CA SER B 37 -3.08 14.95 -6.25
C SER B 37 -1.57 14.72 -6.37
N ILE B 38 -1.14 13.47 -6.25
CA ILE B 38 0.30 13.16 -6.33
C ILE B 38 0.93 13.72 -7.61
N MSE B 39 2.06 14.38 -7.47
CA MSE B 39 2.77 14.95 -8.62
C MSE B 39 3.96 14.10 -9.03
O MSE B 39 4.47 14.21 -10.14
CB MSE B 39 3.25 16.38 -8.31
CG MSE B 39 4.37 16.45 -7.28
SE MSE B 39 4.88 18.28 -6.83
CE MSE B 39 6.24 18.54 -8.18
N LYS B 40 4.41 13.23 -8.13
CA LYS B 40 5.55 12.35 -8.37
C LYS B 40 5.40 11.02 -7.66
N GLU B 41 6.11 10.02 -8.17
CA GLU B 41 6.14 8.70 -7.59
C GLU B 41 7.54 8.19 -7.89
N VAL B 42 8.34 8.02 -6.84
CA VAL B 42 9.71 7.57 -7.01
C VAL B 42 10.04 6.39 -6.10
N TYR B 43 11.16 5.74 -6.37
CA TYR B 43 11.59 4.61 -5.57
C TYR B 43 13.01 4.86 -5.06
N THR B 44 13.27 4.48 -3.81
CA THR B 44 14.60 4.66 -3.27
C THR B 44 15.51 3.63 -3.92
N ASN B 45 16.78 3.98 -4.07
CA ASN B 45 17.74 3.04 -4.67
C ASN B 45 18.33 2.19 -3.55
N ASN B 46 19.34 1.39 -3.87
CA ASN B 46 19.96 0.53 -2.87
C ASN B 46 20.60 1.27 -1.71
N ASP B 47 20.81 2.57 -1.87
CA ASP B 47 21.42 3.37 -0.81
C ASP B 47 20.36 4.11 -0.01
N GLY B 48 19.10 3.71 -0.17
CA GLY B 48 18.01 4.33 0.56
C GLY B 48 17.71 5.76 0.16
N ARG B 49 18.27 6.19 -0.97
CA ARG B 49 18.07 7.54 -1.47
C ARG B 49 17.38 7.52 -2.83
N VAL B 50 17.16 8.69 -3.40
CA VAL B 50 16.54 8.82 -4.72
C VAL B 50 17.54 9.61 -5.57
N ASP B 51 18.00 9.00 -6.66
CA ASP B 51 18.96 9.64 -7.55
C ASP B 51 18.57 11.07 -7.92
N VAL B 52 17.43 11.21 -8.58
CA VAL B 52 16.92 12.51 -9.00
C VAL B 52 16.18 13.19 -7.84
N PRO B 53 16.55 14.44 -7.53
CA PRO B 53 15.92 15.20 -6.44
C PRO B 53 14.39 15.20 -6.54
N LEU B 54 13.72 15.01 -5.41
CA LEU B 54 12.27 14.97 -5.36
C LEU B 54 11.69 16.28 -5.92
N LEU B 55 12.28 17.40 -5.51
CA LEU B 55 11.88 18.71 -5.98
C LEU B 55 13.17 19.48 -6.18
N ALA B 56 13.22 20.31 -7.21
CA ALA B 56 14.42 21.08 -7.49
C ALA B 56 14.13 22.30 -8.37
N GLY B 57 14.84 23.39 -8.10
CA GLY B 57 14.67 24.60 -8.86
C GLY B 57 13.29 25.22 -8.79
N GLU B 58 12.71 25.50 -9.95
CA GLU B 58 11.39 26.10 -10.02
C GLU B 58 10.25 25.18 -9.63
N GLU B 59 10.56 23.91 -9.47
CA GLU B 59 9.55 22.95 -9.07
C GLU B 59 9.35 23.07 -7.55
N LEU B 60 10.42 23.44 -6.85
CA LEU B 60 10.38 23.60 -5.40
C LEU B 60 9.97 25.02 -5.05
N MSE B 61 8.71 25.19 -4.69
CA MSE B 61 8.19 26.50 -4.32
C MSE B 61 7.77 26.52 -2.86
O MSE B 61 7.39 25.49 -2.30
CB MSE B 61 6.99 26.85 -5.19
CG MSE B 61 7.32 26.95 -6.66
SE MSE B 61 5.78 27.51 -7.65
CE MSE B 61 5.28 25.82 -8.44
N SER B 62 7.83 27.70 -2.25
CA SER B 62 7.46 27.84 -0.85
C SER B 62 6.05 27.30 -0.66
N GLY B 63 5.84 26.54 0.40
CA GLY B 63 4.52 25.99 0.64
C GLY B 63 4.53 24.65 1.38
N GLU B 64 3.34 24.09 1.53
CA GLU B 64 3.17 22.84 2.23
C GLU B 64 3.07 21.65 1.29
N TYR B 65 3.74 20.57 1.68
CA TYR B 65 3.78 19.34 0.93
C TYR B 65 3.48 18.15 1.81
N VAL B 66 3.35 16.99 1.18
CA VAL B 66 3.09 15.74 1.88
C VAL B 66 3.78 14.61 1.13
N MSE B 67 4.72 13.92 1.76
CA MSE B 67 5.29 12.78 1.08
C MSE B 67 4.80 11.51 1.76
O MSE B 67 4.75 11.45 3.00
CB MSE B 67 6.83 12.86 0.91
CG MSE B 67 7.72 13.13 2.10
SE MSE B 67 9.57 13.53 1.44
CE MSE B 67 9.80 11.96 0.35
N GLU B 68 4.37 10.56 0.95
CA GLU B 68 3.82 9.30 1.45
C GLU B 68 4.76 8.13 1.20
N PHE B 69 5.26 7.55 2.27
CA PHE B 69 6.16 6.41 2.17
C PHE B 69 5.34 5.14 2.25
N HIS B 70 5.53 4.24 1.29
CA HIS B 70 4.79 2.99 1.29
C HIS B 70 5.57 1.95 2.09
N ALA B 71 5.56 2.13 3.41
CA ALA B 71 6.23 1.25 4.34
C ALA B 71 5.58 -0.13 4.36
N GLY B 72 4.25 -0.13 4.31
CA GLY B 72 3.50 -1.38 4.33
C GLY B 72 3.96 -2.35 3.26
N ASP B 73 4.12 -1.87 2.03
CA ASP B 73 4.55 -2.73 0.94
C ASP B 73 6.00 -3.16 1.10
N TYR B 74 6.84 -2.24 1.54
CA TYR B 74 8.26 -2.52 1.73
C TYR B 74 8.46 -3.67 2.72
N PHE B 75 7.91 -3.52 3.92
CA PHE B 75 8.07 -4.57 4.92
C PHE B 75 7.39 -5.88 4.54
N ALA B 76 6.33 -5.81 3.75
CA ALA B 76 5.63 -7.03 3.32
C ALA B 76 6.57 -7.81 2.41
N SER B 77 7.28 -7.11 1.54
CA SER B 77 8.22 -7.76 0.63
C SER B 77 9.38 -8.38 1.40
N LYS B 78 9.54 -7.95 2.65
CA LYS B 78 10.62 -8.43 3.52
C LYS B 78 10.08 -9.40 4.57
N ASN B 79 8.77 -9.62 4.57
CA ASN B 79 8.13 -10.51 5.55
C ASN B 79 8.34 -9.98 6.97
N MSE B 80 8.32 -8.66 7.13
CA MSE B 80 8.54 -7.99 8.40
C MSE B 80 7.31 -7.38 9.09
O MSE B 80 7.39 -6.99 10.26
CB MSE B 80 9.60 -6.89 8.23
CG MSE B 80 11.01 -7.39 7.95
SE MSE B 80 11.81 -8.28 9.49
CE MSE B 80 11.53 -10.13 8.96
N ASN B 81 6.19 -7.27 8.39
CA ASN B 81 4.99 -6.69 9.00
C ASN B 81 4.55 -7.40 10.27
N ALA B 82 4.88 -8.68 10.39
CA ALA B 82 4.51 -9.47 11.56
C ALA B 82 3.01 -9.39 11.85
N ALA B 83 2.21 -9.22 10.79
CA ALA B 83 0.76 -9.12 10.92
C ALA B 83 0.12 -8.95 9.54
N ASP B 84 -0.99 -9.64 9.31
CA ASP B 84 -1.68 -9.54 8.03
C ASP B 84 -2.17 -8.11 7.79
N GLN B 85 -2.52 -7.43 8.88
CA GLN B 85 -3.00 -6.06 8.84
C GLN B 85 -2.02 -5.19 9.63
N PRO B 86 -0.97 -4.71 8.95
CA PRO B 86 0.11 -3.87 9.51
C PRO B 86 -0.33 -2.60 10.21
N PHE B 87 0.39 -2.27 11.28
CA PHE B 87 0.14 -1.06 12.06
C PHE B 87 0.42 0.16 11.16
N LEU B 88 1.48 0.04 10.35
CA LEU B 88 1.89 1.11 9.45
C LEU B 88 1.66 0.65 8.03
N THR B 89 0.95 1.46 7.26
CA THR B 89 0.67 1.14 5.87
C THR B 89 1.36 2.21 5.02
N ILE B 90 0.75 3.38 4.94
CA ILE B 90 1.32 4.49 4.21
C ILE B 90 1.78 5.47 5.30
N VAL B 91 3.07 5.78 5.34
CA VAL B 91 3.56 6.73 6.33
C VAL B 91 3.53 8.09 5.66
N THR B 92 2.69 8.98 6.16
CA THR B 92 2.52 10.32 5.58
C THR B 92 3.19 11.40 6.39
N VAL B 93 4.02 12.19 5.73
CA VAL B 93 4.73 13.26 6.42
C VAL B 93 4.41 14.62 5.78
N ARG B 94 3.74 15.47 6.55
CA ARG B 94 3.40 16.79 6.09
C ARG B 94 4.40 17.80 6.64
N PHE B 95 4.98 18.61 5.76
CA PHE B 95 5.95 19.61 6.16
C PHE B 95 5.76 20.87 5.33
N GLN B 96 6.46 21.94 5.70
CA GLN B 96 6.36 23.18 4.97
C GLN B 96 7.72 23.75 4.59
N LEU B 97 7.95 23.92 3.30
CA LEU B 97 9.22 24.47 2.84
C LEU B 97 9.05 25.99 2.73
N ALA B 98 9.79 26.74 3.55
CA ALA B 98 9.69 28.20 3.54
C ALA B 98 10.54 28.83 2.43
N ASP B 99 11.86 28.63 2.49
CA ASP B 99 12.76 29.20 1.50
C ASP B 99 12.79 28.33 0.25
N PRO B 100 12.37 28.88 -0.91
CA PRO B 100 12.35 28.15 -2.19
C PRO B 100 13.74 27.87 -2.73
N ASP B 101 14.74 28.57 -2.22
CA ASP B 101 16.11 28.39 -2.68
C ASP B 101 16.97 27.60 -1.71
N ALA B 102 16.35 27.10 -0.63
CA ALA B 102 17.10 26.34 0.35
C ALA B 102 17.20 24.87 -0.05
N HIS B 103 18.09 24.14 0.60
CA HIS B 103 18.28 22.72 0.37
C HIS B 103 17.72 22.00 1.58
N TYR B 104 16.76 21.11 1.35
CA TYR B 104 16.17 20.36 2.46
C TYR B 104 16.41 18.87 2.30
N HIS B 105 16.88 18.24 3.36
CA HIS B 105 17.12 16.80 3.36
C HIS B 105 16.26 16.29 4.50
N ILE B 106 15.27 15.45 4.18
CA ILE B 106 14.39 14.93 5.21
C ILE B 106 14.57 13.43 5.38
N PRO B 107 15.50 13.02 6.26
CA PRO B 107 15.82 11.63 6.57
C PRO B 107 14.67 10.93 7.28
N LEU B 108 14.51 9.64 7.00
CA LEU B 108 13.45 8.86 7.62
C LEU B 108 14.05 7.58 8.20
N LEU B 109 13.79 7.31 9.47
CA LEU B 109 14.27 6.09 10.11
C LEU B 109 12.98 5.32 10.25
N LEU B 110 12.83 4.32 9.39
CA LEU B 110 11.61 3.54 9.36
C LEU B 110 11.64 2.17 9.99
N SER B 111 10.56 1.86 10.70
CA SER B 111 10.37 0.58 11.35
C SER B 111 8.90 0.23 11.13
N PRO B 112 8.54 -1.06 11.28
CA PRO B 112 7.14 -1.41 11.08
C PRO B 112 6.26 -0.94 12.21
N PHE B 113 6.88 -0.46 13.29
CA PHE B 113 6.10 -0.03 14.46
C PHE B 113 6.24 1.44 14.85
N GLY B 114 7.07 2.17 14.10
CA GLY B 114 7.25 3.57 14.40
C GLY B 114 8.27 4.15 13.45
N TYR B 115 8.53 5.45 13.58
CA TYR B 115 9.49 6.08 12.70
C TYR B 115 9.93 7.42 13.23
N GLN B 116 10.96 7.96 12.58
CA GLN B 116 11.52 9.23 12.96
C GLN B 116 11.82 9.95 11.67
N VAL B 117 11.39 11.19 11.60
CA VAL B 117 11.63 12.02 10.41
C VAL B 117 11.94 13.39 10.94
N TYR B 118 12.80 14.11 10.22
CA TYR B 118 13.16 15.44 10.66
C TYR B 118 13.96 16.12 9.57
N ARG B 119 14.15 17.42 9.70
CA ARG B 119 14.95 18.12 8.70
C ARG B 119 16.41 17.92 9.09
N GLY B 120 17.17 17.27 8.22
CA GLY B 120 18.57 17.04 8.51
C GLY B 120 19.43 18.25 8.23
N SER B 121 20.69 18.19 8.66
CA SER B 121 21.63 19.29 8.45
C SER B 121 22.32 19.15 7.09
C1 GOL C . -12.78 -23.44 -0.44
O1 GOL C . -13.49 -22.67 0.52
C2 GOL C . -12.85 -22.76 -1.80
O2 GOL C . -12.89 -21.34 -1.62
C3 GOL C . -11.62 -23.12 -2.64
O3 GOL C . -11.40 -22.13 -3.63
C1 GOL D . 24.24 13.39 10.30
O1 GOL D . 25.29 13.21 9.34
C2 GOL D . 22.88 13.33 9.59
O2 GOL D . 21.84 13.27 10.58
C3 GOL D . 22.70 14.59 8.74
O3 GOL D . 21.45 14.51 8.05
#